data_6FJC
#
_entry.id   6FJC
#
_cell.length_a   83.404
_cell.length_b   83.404
_cell.length_c   208.254
_cell.angle_alpha   90.00
_cell.angle_beta   90.00
_cell.angle_gamma   120.00
#
_symmetry.space_group_name_H-M   'P 61 2 2'
#
loop_
_entity.id
_entity.type
_entity.pdbx_description
1 polymer 'Protein KIBRA'
2 non-polymer GLYCEROL
3 non-polymer '(2R)-3-{[(S)-{[(2S,3R,5S,6S)-2,6-DIHYDROXY-3,4,5-TRIS(PHOSPHONOOXY)CYCLOHEXYL]OXY}(HYDROXY)PHOSPHORYL]OXY}-2-(1-HYDROXY BUTOXY)PROPYL BUTYRATE'
4 non-polymer 'SULFATE ION'
5 water water
#
_entity_poly.entity_id   1
_entity_poly.type   'polypeptide(L)'
_entity_poly.pdbx_seq_one_letter_code
;MRGSHHHHHHGSGATRIQIALKYDEKNKQFAILIIQLSNLSALLQQQDQKVNIRVAVLPCSESTTCLFRTRPLDASDTLV
FNEVFWVSMSYPALHQKTLRVDVCTTDRSHLEECLGGAQISLAEVARSGERSTRWYNLLS
;
_entity_poly.pdbx_strand_id   A,B
#
# COMPACT_ATOMS: atom_id res chain seq x y z
N GLY A 11 18.70 12.23 -11.94
CA GLY A 11 18.34 11.39 -10.82
C GLY A 11 16.84 11.33 -10.55
N SER A 12 16.09 10.79 -11.51
CA SER A 12 14.65 10.63 -11.40
C SER A 12 14.32 9.14 -11.39
N GLY A 13 13.63 8.70 -10.34
CA GLY A 13 13.15 7.34 -10.23
C GLY A 13 11.93 7.30 -9.34
N ALA A 14 11.95 6.44 -8.33
CA ALA A 14 10.93 6.46 -7.30
C ALA A 14 11.51 7.04 -6.03
N THR A 15 10.73 7.90 -5.38
CA THR A 15 11.04 8.31 -4.02
C THR A 15 10.57 7.20 -3.10
N ARG A 16 11.39 6.87 -2.11
CA ARG A 16 11.10 5.78 -1.20
C ARG A 16 11.23 6.24 0.23
N ILE A 17 10.44 5.59 1.09
CA ILE A 17 10.45 5.83 2.52
C ILE A 17 10.77 4.52 3.23
N GLN A 18 11.66 4.57 4.21
CA GLN A 18 12.01 3.39 5.00
C GLN A 18 11.32 3.48 6.35
N ILE A 19 10.61 2.41 6.70
CA ILE A 19 9.73 2.36 7.86
C ILE A 19 9.96 1.04 8.59
N ALA A 20 10.02 1.11 9.91
CA ALA A 20 10.02 -0.09 10.73
C ALA A 20 8.69 -0.18 11.46
N LEU A 21 8.20 -1.41 11.62
CA LEU A 21 6.96 -1.66 12.32
C LEU A 21 7.18 -2.78 13.34
N LYS A 22 6.54 -2.65 14.51
CA LYS A 22 6.75 -3.58 15.61
C LYS A 22 5.51 -3.55 16.50
N TYR A 23 5.04 -4.72 16.89
CA TYR A 23 3.90 -4.79 17.79
C TYR A 23 4.38 -5.19 19.17
N ASP A 24 3.89 -4.47 20.17
CA ASP A 24 4.25 -4.71 21.56
C ASP A 24 3.03 -5.29 22.26
N GLU A 25 3.00 -6.63 22.36
CA GLU A 25 1.85 -7.28 22.98
C GLU A 25 1.82 -7.06 24.48
N LYS A 26 2.97 -6.91 25.14
CA LYS A 26 2.95 -6.64 26.58
C LYS A 26 2.13 -5.39 26.88
N ASN A 27 2.27 -4.35 26.07
CA ASN A 27 1.56 -3.10 26.30
C ASN A 27 0.40 -2.91 25.35
N LYS A 28 0.13 -3.88 24.48
CA LYS A 28 -0.92 -3.77 23.46
C LYS A 28 -0.81 -2.43 22.74
N GLN A 29 0.30 -2.29 22.03
CA GLN A 29 0.63 -1.08 21.28
C GLN A 29 1.49 -1.39 20.07
N PHE A 30 1.22 -0.68 18.99
CA PHE A 30 1.94 -0.75 17.73
C PHE A 30 2.92 0.41 17.64
N ALA A 31 4.16 0.14 17.22
CA ALA A 31 5.15 1.18 17.01
C ALA A 31 5.39 1.38 15.52
N ILE A 32 5.44 2.65 15.11
CA ILE A 32 5.73 3.05 13.75
C ILE A 32 6.95 3.96 13.81
N LEU A 33 8.03 3.54 13.19
CA LEU A 33 9.28 4.26 13.17
C LEU A 33 9.50 4.77 11.76
N ILE A 34 9.20 6.04 11.53
CA ILE A 34 9.52 6.69 10.26
C ILE A 34 11.02 6.96 10.27
N ILE A 35 11.75 6.24 9.42
CA ILE A 35 13.20 6.33 9.40
C ILE A 35 13.63 7.45 8.44
N GLN A 36 13.47 7.27 7.12
CA GLN A 36 14.08 8.19 6.18
C GLN A 36 13.45 8.13 4.79
N LEU A 37 13.78 9.15 4.00
CA LEU A 37 13.42 9.26 2.60
C LEU A 37 14.68 9.21 1.74
N SER A 38 14.54 8.59 0.56
CA SER A 38 15.58 8.64 -0.45
C SER A 38 15.01 9.04 -1.79
N ASN A 39 15.88 9.63 -2.59
CA ASN A 39 15.53 10.12 -3.91
C ASN A 39 14.38 11.11 -3.82
N LEU A 40 14.41 11.92 -2.75
CA LEU A 40 13.35 12.90 -2.55
C LEU A 40 13.37 13.96 -3.63
N SER A 41 14.54 14.21 -4.21
CA SER A 41 14.66 15.14 -5.31
C SER A 41 13.67 14.82 -6.42
N ALA A 42 13.40 13.53 -6.63
CA ALA A 42 12.50 13.08 -7.68
C ALA A 42 11.07 13.51 -7.43
N LEU A 43 10.70 13.76 -6.19
CA LEU A 43 9.34 14.12 -5.85
C LEU A 43 9.11 15.63 -5.80
N LEU A 44 10.16 16.43 -5.69
CA LEU A 44 10.03 17.87 -5.52
C LEU A 44 10.43 18.59 -6.79
N GLN A 45 9.59 19.54 -7.23
CA GLN A 45 10.00 20.46 -8.28
C GLN A 45 10.80 21.63 -7.70
N GLN A 46 10.34 22.20 -6.59
CA GLN A 46 11.06 23.28 -5.94
C GLN A 46 12.05 22.70 -4.94
N GLN A 47 12.80 23.57 -4.28
CA GLN A 47 13.73 23.15 -3.25
C GLN A 47 13.78 24.23 -2.16
N ASP A 48 14.63 24.01 -1.16
CA ASP A 48 14.61 24.72 0.11
C ASP A 48 13.42 24.31 0.97
N GLN A 49 12.49 23.54 0.40
CA GLN A 49 11.18 23.35 1.03
C GLN A 49 11.28 22.55 2.33
N LYS A 50 10.36 22.83 3.24
CA LYS A 50 10.20 22.02 4.43
C LYS A 50 9.38 20.78 4.09
N VAL A 51 9.72 19.67 4.76
CA VAL A 51 9.14 18.37 4.48
C VAL A 51 8.83 17.70 5.80
N ASN A 52 7.64 17.12 5.91
CA ASN A 52 7.32 16.24 7.03
C ASN A 52 6.51 15.08 6.48
N ILE A 53 6.34 14.07 7.32
CA ILE A 53 5.61 12.86 6.98
C ILE A 53 4.33 12.86 7.81
N ARG A 54 3.23 12.49 7.16
CA ARG A 54 1.93 12.41 7.80
C ARG A 54 1.55 10.94 7.85
N VAL A 55 1.32 10.42 9.05
CA VAL A 55 1.08 9.00 9.27
C VAL A 55 -0.34 8.83 9.75
N ALA A 56 -1.14 8.06 9.02
CA ALA A 56 -2.52 7.82 9.39
C ALA A 56 -2.75 6.32 9.54
N VAL A 57 -3.35 5.91 10.64
CA VAL A 57 -3.68 4.50 10.89
C VAL A 57 -5.18 4.34 10.60
N LEU A 58 -5.49 3.70 9.47
CA LEU A 58 -6.83 3.69 8.93
C LEU A 58 -7.43 2.28 8.88
N PRO A 59 -8.76 2.20 8.91
CA PRO A 59 -9.70 3.30 9.09
C PRO A 59 -9.60 3.82 10.49
N CYS A 60 -9.93 5.10 10.67
CA CYS A 60 -9.58 5.81 11.90
C CYS A 60 -10.46 5.37 13.06
N SER A 61 -9.90 4.59 14.00
CA SER A 61 -10.60 4.30 15.25
CA SER A 61 -10.60 4.30 15.24
C SER A 61 -10.69 5.57 16.07
N GLU A 62 -11.90 6.04 16.31
CA GLU A 62 -12.10 7.32 16.96
C GLU A 62 -12.18 7.21 18.49
N SER A 63 -11.74 6.08 19.05
CA SER A 63 -11.45 6.02 20.48
C SER A 63 -10.04 6.54 20.77
N THR A 64 -9.07 6.15 19.96
CA THR A 64 -7.69 6.58 20.11
C THR A 64 -7.28 7.48 18.94
N THR A 65 -6.04 7.93 18.98
CA THR A 65 -5.51 8.87 18.01
C THR A 65 -4.96 8.14 16.80
N CYS A 66 -5.39 8.54 15.61
CA CYS A 66 -5.04 7.80 14.41
C CYS A 66 -4.17 8.57 13.44
N LEU A 67 -3.93 9.87 13.66
CA LEU A 67 -3.16 10.70 12.74
C LEU A 67 -1.95 11.28 13.46
N PHE A 68 -0.78 11.19 12.81
CA PHE A 68 0.50 11.65 13.37
C PHE A 68 1.28 12.40 12.29
N ARG A 69 2.29 13.13 12.74
CA ARG A 69 3.08 14.00 11.86
C ARG A 69 4.49 14.12 12.40
N THR A 70 5.49 13.96 11.53
CA THR A 70 6.86 14.24 11.95
C THR A 70 7.08 15.74 12.09
N ARG A 71 8.18 16.09 12.75
CA ARG A 71 8.71 17.43 12.61
C ARG A 71 9.04 17.70 11.15
N PRO A 72 8.95 18.95 10.71
CA PRO A 72 9.40 19.28 9.36
C PRO A 72 10.90 19.51 9.30
N LEU A 73 11.50 19.10 8.19
CA LEU A 73 12.92 19.23 7.96
C LEU A 73 13.18 19.84 6.59
N ASP A 74 14.33 20.48 6.47
CA ASP A 74 14.74 21.05 5.20
C ASP A 74 14.95 19.95 4.17
N ALA A 75 14.30 20.08 3.02
CA ALA A 75 14.39 19.08 1.99
C ALA A 75 15.83 18.76 1.66
N SER A 76 16.12 17.46 1.60
CA SER A 76 17.38 16.95 1.08
C SER A 76 17.09 15.62 0.40
N ASP A 77 17.87 15.33 -0.65
CA ASP A 77 17.59 14.14 -1.45
C ASP A 77 17.46 12.90 -0.57
N THR A 78 18.35 12.74 0.39
CA THR A 78 18.20 11.78 1.48
C THR A 78 17.83 12.57 2.73
N LEU A 79 16.77 12.16 3.42
CA LEU A 79 16.25 12.93 4.55
C LEU A 79 15.86 11.98 5.67
N VAL A 80 16.60 12.06 6.79
CA VAL A 80 16.42 11.18 7.94
C VAL A 80 15.57 11.87 9.00
N PHE A 81 14.46 11.23 9.38
CA PHE A 81 13.57 11.77 10.40
C PHE A 81 13.72 11.07 11.74
N ASN A 82 13.85 9.74 11.70
CA ASN A 82 13.90 8.90 12.89
C ASN A 82 12.93 9.33 13.97
N GLU A 83 11.63 9.23 13.70
CA GLU A 83 10.60 9.46 14.70
C GLU A 83 9.77 8.20 14.87
N VAL A 84 9.42 7.89 16.11
N VAL A 84 9.43 7.90 16.12
CA VAL A 84 8.57 6.74 16.42
CA VAL A 84 8.57 6.77 16.45
C VAL A 84 7.23 7.26 16.93
C VAL A 84 7.22 7.29 16.92
N PHE A 85 6.16 6.65 16.44
CA PHE A 85 4.80 6.91 16.91
C PHE A 85 4.25 5.62 17.49
N TRP A 86 3.65 5.71 18.66
CA TRP A 86 3.05 4.57 19.33
C TRP A 86 1.54 4.69 19.30
N VAL A 87 0.86 3.60 19.01
CA VAL A 87 -0.60 3.57 18.92
C VAL A 87 -1.11 2.44 19.80
N SER A 88 -2.12 2.74 20.62
CA SER A 88 -2.77 1.73 21.44
C SER A 88 -3.80 0.97 20.63
N MET A 89 -3.67 -0.35 20.61
CA MET A 89 -4.50 -1.16 19.75
C MET A 89 -4.25 -2.64 20.02
N SER A 90 -5.32 -3.40 20.19
CA SER A 90 -5.17 -4.85 20.26
C SER A 90 -4.64 -5.38 18.94
N TYR A 91 -4.03 -6.56 19.01
CA TYR A 91 -3.47 -7.17 17.82
C TYR A 91 -4.55 -7.51 16.80
N PRO A 92 -5.70 -8.07 17.17
CA PRO A 92 -6.77 -8.25 16.19
C PRO A 92 -7.17 -6.93 15.53
N ALA A 93 -7.28 -5.85 16.31
CA ALA A 93 -7.62 -4.56 15.73
C ALA A 93 -6.54 -4.10 14.76
N LEU A 94 -5.28 -4.18 15.18
CA LEU A 94 -4.16 -3.80 14.31
C LEU A 94 -4.26 -4.48 12.95
N HIS A 95 -4.69 -5.73 12.93
CA HIS A 95 -4.68 -6.54 11.71
C HIS A 95 -5.78 -6.17 10.72
N GLN A 96 -6.77 -5.38 11.10
CA GLN A 96 -7.77 -4.89 10.14
C GLN A 96 -7.35 -3.57 9.51
N LYS A 97 -6.19 -3.06 9.89
CA LYS A 97 -5.78 -1.67 9.67
C LYS A 97 -4.86 -1.53 8.47
N THR A 98 -4.87 -0.33 7.89
CA THR A 98 -3.94 0.07 6.84
C THR A 98 -3.20 1.33 7.27
N LEU A 99 -1.91 1.37 6.99
CA LEU A 99 -1.06 2.49 7.34
C LEU A 99 -0.87 3.38 6.11
N ARG A 100 -1.26 4.63 6.22
CA ARG A 100 -1.04 5.61 5.16
C ARG A 100 0.01 6.61 5.61
N VAL A 101 1.10 6.73 4.84
CA VAL A 101 2.18 7.68 5.11
C VAL A 101 2.38 8.52 3.87
N ASP A 102 2.27 9.83 4.02
CA ASP A 102 2.42 10.75 2.91
C ASP A 102 3.57 11.70 3.20
N VAL A 103 4.31 12.02 2.14
CA VAL A 103 5.38 13.00 2.19
C VAL A 103 4.80 14.35 1.80
N CYS A 104 4.92 15.33 2.70
CA CYS A 104 4.27 16.61 2.52
C CYS A 104 5.28 17.75 2.66
N THR A 105 5.09 18.80 1.88
CA THR A 105 5.82 20.05 2.11
C THR A 105 4.96 20.96 2.95
N THR A 106 5.61 21.94 3.59
CA THR A 106 4.87 22.81 4.48
C THR A 106 5.66 24.10 4.71
N ASP A 107 5.00 25.02 5.41
CA ASP A 107 5.45 26.41 5.49
C ASP A 107 4.72 27.08 6.64
N ARG A 108 4.96 28.38 6.80
CA ARG A 108 4.36 29.16 7.87
C ARG A 108 2.84 29.20 7.77
N SER A 109 2.27 28.82 6.63
CA SER A 109 0.81 28.68 6.54
C SER A 109 0.31 27.50 7.35
N HIS A 110 1.17 26.51 7.62
CA HIS A 110 0.81 25.24 8.23
C HIS A 110 -0.05 24.37 7.32
N LEU A 111 -0.29 24.78 6.08
CA LEU A 111 -1.02 23.95 5.13
C LEU A 111 -0.13 22.83 4.60
N GLU A 112 -0.63 21.60 4.67
CA GLU A 112 0.09 20.45 4.17
C GLU A 112 -0.06 20.38 2.67
N GLU A 113 1.05 20.13 1.98
CA GLU A 113 1.01 19.83 0.56
C GLU A 113 1.57 18.42 0.39
N CYS A 114 0.71 17.43 0.48
CA CYS A 114 1.12 16.03 0.53
C CYS A 114 1.18 15.50 -0.88
N LEU A 115 2.40 15.40 -1.41
CA LEU A 115 2.64 15.17 -2.82
C LEU A 115 2.61 13.71 -3.23
N GLY A 116 2.70 12.79 -2.29
CA GLY A 116 2.69 11.37 -2.61
C GLY A 116 2.79 10.57 -1.34
N GLY A 117 2.47 9.28 -1.46
CA GLY A 117 2.52 8.47 -0.26
C GLY A 117 2.49 7.00 -0.58
N ALA A 118 2.51 6.22 0.50
CA ALA A 118 2.41 4.78 0.45
C ALA A 118 1.28 4.33 1.36
N GLN A 119 0.71 3.18 1.06
CA GLN A 119 -0.24 2.50 1.92
C GLN A 119 0.30 1.11 2.25
N ILE A 120 0.21 0.74 3.51
CA ILE A 120 0.81 -0.48 4.01
C ILE A 120 -0.29 -1.21 4.76
N SER A 121 -0.84 -2.25 4.15
CA SER A 121 -1.73 -3.16 4.85
C SER A 121 -1.00 -3.76 6.06
N LEU A 122 -1.68 -3.79 7.21
CA LEU A 122 -1.07 -4.29 8.44
C LEU A 122 -1.58 -5.68 8.82
N ALA A 123 -2.20 -6.39 7.88
CA ALA A 123 -2.80 -7.68 8.19
C ALA A 123 -1.77 -8.70 8.63
N GLU A 124 -0.52 -8.54 8.25
CA GLU A 124 0.50 -9.55 8.48
C GLU A 124 1.62 -9.05 9.38
N VAL A 125 1.34 -8.03 10.20
CA VAL A 125 2.28 -7.61 11.24
C VAL A 125 2.41 -8.72 12.26
N ALA A 126 3.64 -9.02 12.66
CA ALA A 126 3.88 -10.11 13.59
C ALA A 126 3.52 -9.71 15.01
N ARG A 127 2.98 -10.68 15.76
CA ARG A 127 2.68 -10.51 17.18
C ARG A 127 3.94 -10.49 18.05
N SER A 128 5.07 -10.98 17.54
CA SER A 128 6.22 -11.34 18.36
C SER A 128 7.05 -10.14 18.84
N GLY A 129 7.10 -9.05 18.07
CA GLY A 129 7.97 -7.94 18.38
C GLY A 129 9.27 -7.92 17.60
N GLU A 130 9.68 -9.06 17.05
CA GLU A 130 10.68 -9.11 16.00
C GLU A 130 10.30 -8.09 14.92
N ARG A 131 11.08 -7.02 14.76
CA ARG A 131 10.58 -5.86 14.03
C ARG A 131 10.89 -5.92 12.54
N SER A 132 9.98 -5.34 11.75
CA SER A 132 10.01 -5.38 10.30
C SER A 132 10.41 -3.99 9.79
N THR A 133 11.50 -3.94 9.01
CA THR A 133 11.98 -2.72 8.39
C THR A 133 12.02 -2.92 6.89
N ARG A 134 11.29 -2.09 6.16
CA ARG A 134 11.18 -2.25 4.72
C ARG A 134 11.18 -0.88 4.05
N TRP A 135 11.46 -0.87 2.74
CA TRP A 135 11.36 0.32 1.91
C TRP A 135 10.06 0.29 1.12
N TYR A 136 9.48 1.47 0.92
CA TYR A 136 8.19 1.60 0.25
C TYR A 136 8.25 2.71 -0.80
N ASN A 137 7.85 2.38 -2.03
CA ASN A 137 7.73 3.38 -3.07
C ASN A 137 6.58 4.32 -2.77
N LEU A 138 6.73 5.56 -3.18
CA LEU A 138 5.62 6.52 -3.11
C LEU A 138 4.87 6.53 -4.44
N LEU A 139 3.59 6.88 -4.36
CA LEU A 139 2.73 7.00 -5.51
C LEU A 139 1.94 8.30 -5.37
N SER A 140 1.86 9.07 -6.45
CA SER A 140 1.30 10.41 -6.37
C SER A 140 -0.05 10.54 -7.08
N SER B 12 -17.36 -9.09 10.21
CA SER B 12 -16.83 -7.75 10.43
C SER B 12 -15.35 -7.70 10.08
N GLY B 13 -14.75 -6.53 10.16
CA GLY B 13 -13.33 -6.39 9.91
C GLY B 13 -13.01 -6.07 8.46
N ALA B 14 -11.73 -6.16 8.17
CA ALA B 14 -11.24 -5.87 6.82
C ALA B 14 -11.68 -6.93 5.82
N THR B 15 -12.08 -6.48 4.65
CA THR B 15 -12.01 -7.35 3.48
C THR B 15 -10.56 -7.44 3.04
N ARG B 16 -10.13 -8.65 2.68
CA ARG B 16 -8.75 -8.90 2.30
C ARG B 16 -8.69 -9.54 0.93
N ILE B 17 -7.54 -9.33 0.28
CA ILE B 17 -7.23 -9.94 -1.00
C ILE B 17 -5.90 -10.69 -0.86
N GLN B 18 -5.83 -11.88 -1.47
CA GLN B 18 -4.64 -12.71 -1.41
C GLN B 18 -3.99 -12.69 -2.78
N ILE B 19 -2.74 -12.27 -2.83
CA ILE B 19 -2.04 -12.03 -4.10
C ILE B 19 -0.68 -12.68 -4.00
N ALA B 20 -0.29 -13.38 -5.06
CA ALA B 20 1.08 -13.85 -5.21
C ALA B 20 1.76 -12.99 -6.26
N LEU B 21 3.03 -12.68 -6.00
CA LEU B 21 3.84 -11.85 -6.88
C LEU B 21 5.17 -12.57 -7.10
N LYS B 22 5.67 -12.54 -8.33
CA LYS B 22 6.93 -13.22 -8.63
C LYS B 22 7.59 -12.57 -9.83
N TYR B 23 8.88 -12.26 -9.69
CA TYR B 23 9.66 -11.76 -10.82
C TYR B 23 10.34 -12.92 -11.55
N ASP B 24 10.23 -12.91 -12.86
CA ASP B 24 10.82 -13.92 -13.73
C ASP B 24 12.01 -13.24 -14.39
N GLU B 25 13.17 -13.35 -13.75
CA GLU B 25 14.38 -12.73 -14.28
C GLU B 25 14.84 -13.38 -15.58
N LYS B 26 14.44 -14.62 -15.84
CA LYS B 26 14.78 -15.25 -17.12
C LYS B 26 14.12 -14.53 -18.28
N ASN B 27 12.83 -14.22 -18.16
CA ASN B 27 12.07 -13.62 -19.24
C ASN B 27 11.90 -12.12 -19.07
N LYS B 28 12.42 -11.56 -17.98
CA LYS B 28 12.22 -10.16 -17.62
C LYS B 28 10.74 -9.78 -17.61
N GLN B 29 10.00 -10.47 -16.74
CA GLN B 29 8.57 -10.26 -16.67
C GLN B 29 8.10 -10.46 -15.24
N PHE B 30 7.05 -9.73 -14.87
CA PHE B 30 6.49 -9.75 -13.53
C PHE B 30 5.10 -10.37 -13.57
N ALA B 31 4.84 -11.29 -12.65
CA ALA B 31 3.58 -12.02 -12.57
C ALA B 31 2.78 -11.57 -11.37
N ILE B 32 1.49 -11.35 -11.58
CA ILE B 32 0.56 -10.98 -10.53
C ILE B 32 -0.55 -12.02 -10.53
N LEU B 33 -0.58 -12.84 -9.48
CA LEU B 33 -1.61 -13.86 -9.32
C LEU B 33 -2.64 -13.33 -8.33
N ILE B 34 -3.81 -12.98 -8.85
CA ILE B 34 -4.94 -12.59 -8.02
C ILE B 34 -5.64 -13.88 -7.58
N ILE B 35 -5.58 -14.17 -6.30
CA ILE B 35 -6.06 -15.45 -5.83
C ILE B 35 -7.52 -15.35 -5.41
N GLN B 36 -7.79 -14.61 -4.35
CA GLN B 36 -9.13 -14.67 -3.79
C GLN B 36 -9.40 -13.47 -2.89
N LEU B 37 -10.68 -13.15 -2.79
CA LEU B 37 -11.17 -12.21 -1.79
C LEU B 37 -11.70 -12.98 -0.58
N SER B 38 -11.50 -12.41 0.60
CA SER B 38 -12.04 -12.97 1.84
C SER B 38 -12.81 -11.88 2.58
N ASN B 39 -13.89 -12.27 3.23
CA ASN B 39 -14.73 -11.33 3.97
C ASN B 39 -15.25 -10.23 3.07
N LEU B 40 -15.57 -10.58 1.82
CA LEU B 40 -16.13 -9.62 0.89
C LEU B 40 -17.45 -9.05 1.38
N SER B 41 -18.15 -9.76 2.26
CA SER B 41 -19.41 -9.27 2.79
C SER B 41 -19.24 -8.07 3.70
N ALA B 42 -18.03 -7.78 4.14
CA ALA B 42 -17.79 -6.54 4.87
C ALA B 42 -17.79 -5.33 3.95
N LEU B 43 -17.74 -5.54 2.63
CA LEU B 43 -17.75 -4.45 1.66
C LEU B 43 -19.00 -4.42 0.80
N LEU B 44 -19.71 -5.53 0.66
CA LEU B 44 -20.74 -5.59 -0.35
C LEU B 44 -22.10 -5.28 0.22
N GLN B 45 -22.70 -4.26 -0.39
CA GLN B 45 -23.87 -3.48 -0.02
C GLN B 45 -25.16 -4.18 -0.46
N GLN B 46 -25.24 -4.57 -1.74
CA GLN B 46 -26.38 -5.27 -2.29
C GLN B 46 -26.18 -6.78 -2.20
N GLN B 47 -25.09 -7.29 -2.79
CA GLN B 47 -24.58 -8.64 -2.59
C GLN B 47 -25.07 -9.65 -3.64
N ASP B 48 -26.08 -9.30 -4.43
CA ASP B 48 -26.44 -10.11 -5.59
C ASP B 48 -25.87 -9.52 -6.88
N GLN B 49 -24.64 -9.02 -6.82
CA GLN B 49 -23.97 -8.39 -7.95
C GLN B 49 -22.80 -9.26 -8.40
N LYS B 50 -22.21 -8.87 -9.53
CA LYS B 50 -20.96 -9.45 -9.97
C LYS B 50 -19.80 -8.51 -9.68
N VAL B 51 -18.63 -9.09 -9.47
CA VAL B 51 -17.48 -8.38 -8.94
C VAL B 51 -16.25 -8.75 -9.76
N ASN B 52 -15.42 -7.76 -10.05
CA ASN B 52 -14.13 -8.01 -10.67
C ASN B 52 -13.06 -7.28 -9.85
N ILE B 53 -11.80 -7.70 -10.05
CA ILE B 53 -10.63 -7.05 -9.44
C ILE B 53 -9.93 -6.24 -10.51
N ARG B 54 -9.82 -4.94 -10.31
CA ARG B 54 -9.06 -4.09 -11.21
C ARG B 54 -7.63 -3.98 -10.70
N VAL B 55 -6.67 -4.07 -11.61
CA VAL B 55 -5.26 -4.22 -11.28
C VAL B 55 -4.45 -3.22 -12.12
N ALA B 56 -3.72 -2.35 -11.45
CA ALA B 56 -2.94 -1.32 -12.13
C ALA B 56 -1.51 -1.35 -11.62
N VAL B 57 -0.56 -1.33 -12.54
CA VAL B 57 0.85 -1.23 -12.22
C VAL B 57 1.26 0.22 -12.47
N LEU B 58 1.42 0.98 -11.40
CA LEU B 58 1.60 2.41 -11.52
C LEU B 58 2.95 2.85 -11.03
N PRO B 59 3.44 3.97 -11.56
CA PRO B 59 2.81 4.78 -12.58
C PRO B 59 2.93 4.12 -13.95
N CYS B 60 1.94 4.34 -14.81
CA CYS B 60 1.81 3.58 -16.06
C CYS B 60 2.83 4.04 -17.10
N SER B 61 3.89 3.26 -17.28
CA SER B 61 4.78 3.47 -18.41
C SER B 61 4.00 3.20 -19.69
N GLU B 62 3.83 4.24 -20.53
CA GLU B 62 2.83 4.19 -21.58
C GLU B 62 3.33 3.53 -22.86
N SER B 63 4.22 2.54 -22.73
CA SER B 63 4.60 1.68 -23.84
C SER B 63 4.12 0.25 -23.67
N THR B 64 4.27 -0.34 -22.49
CA THR B 64 3.71 -1.65 -22.22
C THR B 64 2.46 -1.48 -21.35
N THR B 65 1.59 -2.49 -21.43
CA THR B 65 0.27 -2.39 -20.82
C THR B 65 0.36 -2.59 -19.32
N CYS B 66 -0.31 -1.73 -18.58
CA CYS B 66 -0.16 -1.63 -17.14
C CYS B 66 -1.47 -1.83 -16.39
N LEU B 67 -2.58 -2.05 -17.09
CA LEU B 67 -3.92 -2.07 -16.50
C LEU B 67 -4.63 -3.37 -16.88
N PHE B 68 -5.14 -4.08 -15.87
CA PHE B 68 -5.74 -5.39 -16.08
C PHE B 68 -7.01 -5.49 -15.27
N ARG B 69 -7.80 -6.52 -15.57
CA ARG B 69 -9.09 -6.70 -14.93
C ARG B 69 -9.49 -8.17 -15.00
N THR B 70 -9.85 -8.75 -13.87
CA THR B 70 -10.30 -10.14 -13.87
C THR B 70 -11.66 -10.25 -14.57
N ARG B 71 -12.05 -11.49 -14.82
CA ARG B 71 -13.42 -11.76 -15.21
C ARG B 71 -14.35 -11.44 -14.05
N PRO B 72 -15.61 -11.09 -14.33
CA PRO B 72 -16.57 -10.83 -13.24
C PRO B 72 -17.16 -12.12 -12.70
N LEU B 73 -17.18 -12.25 -11.38
CA LEU B 73 -17.77 -13.39 -10.72
C LEU B 73 -18.90 -12.91 -9.81
N ASP B 74 -19.89 -13.77 -9.61
CA ASP B 74 -20.98 -13.46 -8.70
C ASP B 74 -20.42 -13.29 -7.30
N ALA B 75 -20.84 -12.23 -6.63
CA ALA B 75 -20.26 -11.92 -5.32
C ALA B 75 -20.55 -13.03 -4.33
N SER B 76 -19.57 -13.26 -3.45
CA SER B 76 -19.60 -14.31 -2.44
C SER B 76 -18.61 -13.91 -1.36
N ASP B 77 -18.97 -14.19 -0.10
CA ASP B 77 -18.14 -13.74 1.01
C ASP B 77 -16.70 -14.18 0.82
N THR B 78 -16.48 -15.41 0.36
CA THR B 78 -15.19 -15.84 -0.14
C THR B 78 -15.31 -15.98 -1.64
N LEU B 79 -14.34 -15.45 -2.39
CA LEU B 79 -14.48 -15.34 -3.84
C LEU B 79 -13.11 -15.59 -4.49
N VAL B 80 -13.00 -16.72 -5.16
CA VAL B 80 -11.75 -17.21 -5.74
C VAL B 80 -11.70 -16.87 -7.22
N PHE B 81 -10.61 -16.27 -7.65
CA PHE B 81 -10.42 -15.87 -9.04
C PHE B 81 -9.31 -16.62 -9.74
N ASN B 82 -8.17 -16.81 -9.07
CA ASN B 82 -6.99 -17.40 -9.68
C ASN B 82 -6.79 -16.93 -11.12
N GLU B 83 -6.46 -15.67 -11.31
CA GLU B 83 -6.04 -15.16 -12.60
C GLU B 83 -4.63 -14.60 -12.49
N VAL B 84 -3.81 -14.84 -13.50
N VAL B 84 -3.80 -14.85 -13.49
CA VAL B 84 -2.43 -14.37 -13.53
CA VAL B 84 -2.43 -14.37 -13.52
C VAL B 84 -2.31 -13.31 -14.61
C VAL B 84 -2.31 -13.30 -14.61
N PHE B 85 -1.73 -12.16 -14.24
CA PHE B 85 -1.43 -11.08 -15.18
C PHE B 85 0.08 -10.95 -15.29
N TRP B 86 0.59 -10.94 -16.52
CA TRP B 86 2.03 -10.87 -16.79
C TRP B 86 2.35 -9.49 -17.35
N VAL B 87 3.39 -8.88 -16.79
CA VAL B 87 3.79 -7.52 -17.12
C VAL B 87 5.21 -7.59 -17.64
N SER B 88 5.42 -7.05 -18.83
CA SER B 88 6.76 -7.05 -19.45
C SER B 88 7.51 -5.84 -18.91
N MET B 89 8.48 -6.08 -18.03
CA MET B 89 9.36 -4.98 -17.63
C MET B 89 10.52 -5.53 -16.83
N SER B 90 11.65 -4.84 -16.95
CA SER B 90 12.88 -5.19 -16.26
C SER B 90 12.74 -4.92 -14.76
N TYR B 91 13.57 -5.60 -13.97
CA TYR B 91 13.54 -5.39 -12.54
C TYR B 91 13.71 -3.93 -12.15
N PRO B 92 14.61 -3.16 -12.76
CA PRO B 92 14.77 -1.77 -12.34
C PRO B 92 13.52 -0.94 -12.56
N ALA B 93 12.87 -1.09 -13.71
CA ALA B 93 11.58 -0.43 -13.89
C ALA B 93 10.59 -0.88 -12.82
N LEU B 94 10.48 -2.19 -12.61
CA LEU B 94 9.53 -2.74 -11.65
C LEU B 94 9.82 -2.29 -10.23
N HIS B 95 11.10 -2.13 -9.90
CA HIS B 95 11.50 -1.73 -8.55
C HIS B 95 10.93 -0.35 -8.18
N GLN B 96 10.48 0.44 -9.16
CA GLN B 96 9.92 1.76 -8.91
C GLN B 96 8.39 1.78 -8.83
N LYS B 97 7.72 0.67 -9.07
CA LYS B 97 6.28 0.68 -9.31
C LYS B 97 5.50 0.38 -8.04
N THR B 98 4.21 0.60 -8.14
CA THR B 98 3.26 0.30 -7.09
C THR B 98 2.06 -0.40 -7.72
N LEU B 99 1.52 -1.39 -7.02
CA LEU B 99 0.38 -2.17 -7.48
C LEU B 99 -0.89 -1.65 -6.81
N ARG B 100 -1.85 -1.22 -7.61
CA ARG B 100 -3.13 -0.73 -7.12
C ARG B 100 -4.20 -1.71 -7.54
N VAL B 101 -4.89 -2.30 -6.58
CA VAL B 101 -5.93 -3.29 -6.85
C VAL B 101 -7.21 -2.83 -6.19
N ASP B 102 -8.33 -2.98 -6.91
CA ASP B 102 -9.61 -2.53 -6.41
C ASP B 102 -10.67 -3.57 -6.72
N VAL B 103 -11.63 -3.66 -5.82
CA VAL B 103 -12.80 -4.50 -5.96
C VAL B 103 -13.92 -3.64 -6.52
N CYS B 104 -14.44 -4.00 -7.70
CA CYS B 104 -15.41 -3.18 -8.40
C CYS B 104 -16.61 -4.03 -8.79
N THR B 105 -17.80 -3.41 -8.75
CA THR B 105 -19.01 -4.08 -9.16
C THR B 105 -19.24 -3.89 -10.66
N THR B 106 -20.04 -4.79 -11.21
CA THR B 106 -20.19 -4.97 -12.65
C THR B 106 -21.68 -4.84 -12.94
N ASP B 107 -22.07 -3.67 -13.44
CA ASP B 107 -23.48 -3.41 -13.72
C ASP B 107 -23.86 -3.99 -15.09
N ARG B 108 -25.10 -3.75 -15.51
CA ARG B 108 -25.62 -4.34 -16.75
C ARG B 108 -24.66 -4.16 -17.92
N SER B 109 -24.05 -2.98 -18.03
CA SER B 109 -22.95 -2.75 -18.96
C SER B 109 -21.69 -2.47 -18.15
N HIS B 110 -20.90 -1.48 -18.57
CA HIS B 110 -19.81 -0.96 -17.74
C HIS B 110 -20.38 0.22 -16.96
N LEU B 111 -20.86 -0.04 -15.75
CA LEU B 111 -21.11 1.00 -14.75
C LEU B 111 -20.08 0.75 -13.64
N GLU B 112 -18.89 1.31 -13.83
CA GLU B 112 -17.78 1.14 -12.92
C GLU B 112 -18.11 1.73 -11.56
N GLU B 113 -18.25 0.89 -10.53
CA GLU B 113 -18.29 1.34 -9.16
C GLU B 113 -17.34 0.48 -8.34
N CYS B 114 -16.35 1.09 -7.72
CA CYS B 114 -15.33 0.37 -6.98
C CYS B 114 -15.50 0.58 -5.48
N LEU B 115 -15.37 -0.51 -4.74
CA LEU B 115 -15.81 -0.58 -3.36
C LEU B 115 -14.68 -0.46 -2.35
N GLY B 116 -13.43 -0.59 -2.79
CA GLY B 116 -12.29 -0.58 -1.90
C GLY B 116 -11.10 -1.21 -2.58
N GLY B 117 -9.92 -0.92 -2.04
CA GLY B 117 -8.71 -1.34 -2.71
C GLY B 117 -7.53 -1.38 -1.77
N ALA B 118 -6.37 -1.71 -2.36
CA ALA B 118 -5.10 -1.73 -1.66
C ALA B 118 -4.01 -1.22 -2.61
N GLN B 119 -2.94 -0.74 -2.00
CA GLN B 119 -1.81 -0.12 -2.70
C GLN B 119 -0.54 -0.83 -2.25
N ILE B 120 0.06 -1.62 -3.14
CA ILE B 120 1.17 -2.49 -2.79
C ILE B 120 2.43 -1.94 -3.47
N SER B 121 3.38 -1.48 -2.65
CA SER B 121 4.67 -1.06 -3.17
C SER B 121 5.46 -2.26 -3.66
N LEU B 122 6.01 -2.15 -4.86
CA LEU B 122 6.80 -3.23 -5.42
C LEU B 122 8.30 -3.05 -5.19
N ALA B 123 8.69 -2.11 -4.32
CA ALA B 123 10.12 -1.87 -4.10
C ALA B 123 10.82 -3.11 -3.56
N GLU B 124 10.16 -3.88 -2.71
CA GLU B 124 10.74 -5.03 -2.03
C GLU B 124 10.50 -6.35 -2.77
N VAL B 125 10.12 -6.31 -4.04
CA VAL B 125 9.97 -7.54 -4.82
C VAL B 125 11.35 -8.10 -5.13
N ALA B 126 11.55 -9.38 -4.79
CA ALA B 126 12.85 -10.02 -4.98
C ALA B 126 13.17 -10.15 -6.46
N ARG B 127 14.29 -9.57 -6.88
CA ARG B 127 14.83 -9.96 -8.18
C ARG B 127 15.28 -11.42 -8.13
N SER B 128 15.75 -11.87 -6.96
CA SER B 128 16.12 -13.26 -6.74
C SER B 128 15.17 -14.19 -7.45
N GLY B 129 13.87 -13.95 -7.31
CA GLY B 129 12.84 -14.65 -8.06
C GLY B 129 11.85 -15.42 -7.21
N GLU B 130 12.04 -15.52 -5.90
CA GLU B 130 11.09 -16.23 -5.06
C GLU B 130 9.75 -15.50 -5.01
N ARG B 131 8.69 -16.28 -4.84
CA ARG B 131 7.33 -15.80 -4.95
C ARG B 131 6.78 -15.48 -3.56
N SER B 132 6.15 -14.32 -3.42
CA SER B 132 5.52 -13.93 -2.16
C SER B 132 4.02 -14.03 -2.33
N THR B 133 3.40 -14.74 -1.40
CA THR B 133 1.96 -14.83 -1.33
C THR B 133 1.57 -14.22 0.00
N ARG B 134 0.74 -13.18 -0.05
CA ARG B 134 0.47 -12.35 1.10
C ARG B 134 -0.99 -11.95 1.04
N TRP B 135 -1.60 -11.78 2.22
CA TRP B 135 -2.94 -11.22 2.30
C TRP B 135 -2.84 -9.72 2.50
N TYR B 136 -3.73 -8.98 1.84
CA TYR B 136 -3.67 -7.52 1.84
C TYR B 136 -5.03 -6.97 2.23
N ASN B 137 -5.05 -6.06 3.21
CA ASN B 137 -6.30 -5.42 3.60
C ASN B 137 -6.74 -4.43 2.54
N LEU B 138 -8.05 -4.32 2.41
CA LEU B 138 -8.66 -3.35 1.52
C LEU B 138 -9.17 -2.19 2.34
N LEU B 139 -9.03 -1.01 1.76
CA LEU B 139 -9.41 0.24 2.39
C LEU B 139 -10.45 0.88 1.49
N SER B 140 -11.66 1.04 2.00
CA SER B 140 -12.70 1.68 1.21
C SER B 140 -12.59 3.20 1.29
#